data_4PKU
#
_entry.id   4PKU
#
_cell.length_a   61.337
_cell.length_b   67.895
_cell.length_c   143.358
_cell.angle_alpha   90.000
_cell.angle_beta   90.000
_cell.angle_gamma   90.000
#
_symmetry.space_group_name_H-M   'P 21 21 21'
#
loop_
_entity.id
_entity.type
_entity.pdbx_description
1 polymer 'Lethal factor'
2 non-polymer N~2~-(3-aminobenzyl)-N~2~-[(4-fluoro-3-methylphenyl)sulfonyl]-N-hydroxy-D-alaninamide
3 non-polymer 'ZINC ION'
4 water water
#
_entity_poly.entity_id   1
_entity_poly.type   'polypeptide(L)'
_entity_poly.pdbx_seq_one_letter_code
;SNALSRYEKWEKIKQHYQHWSDSLSEEGRGLLKKLQIPIEPKKDDIIHSLSQEEKELLKRIQIDSSDFLSTEEKEFLKKL
QIDIRDSLSEEEKELLNRIQVDSSNPLSEKEKEFLKKLKLDIQPYDINQRLQDTGGLIDSPSINLDVRKQYKRDIQNIDA
LLHQSIGSTLYNKIYLYENMNINNLTATLGADLVDSTDNTKINRGIFNEFKKNFKYSISSNYMIVDINERPALDNERLKW
RIQLSPDTRAGYLENGKLILQRNIGLEIKDVQIIKQSEKEYIRIDAKVVPKSKIDTKIQEAQLNINQEWNKALGLPKYTK
LITFNVHNRYASNIVESAYLILNEWKNNIQSDLIKKVTNYLVDGNGRFVFTDITLPNIAEQYTHQDEIYEQVHSKGLYVP
ESRSILLHGPSKGVELRNDSEGFIHEFGHAVDDYAGYLLDKNQSDLVTNSKKFIDIFKEEGSNLTSYGRTNEAEFFAEAF
RLMHSTDHAERLKVQKNAPKTFQFINDQIKFIINSLVPR
;
_entity_poly.pdbx_strand_id   A
#
# COMPACT_ATOMS: atom_id res chain seq x y z
N SER A 5 -35.44 12.20 9.49
CA SER A 5 -36.20 11.70 8.34
C SER A 5 -35.58 10.42 7.81
N ARG A 6 -35.65 9.36 8.62
CA ARG A 6 -34.98 8.10 8.29
C ARG A 6 -35.49 7.45 7.01
N TYR A 7 -36.79 7.18 6.96
CA TYR A 7 -37.38 6.52 5.80
C TYR A 7 -37.71 7.50 4.69
N GLU A 8 -37.91 8.76 5.06
CA GLU A 8 -38.23 9.81 4.10
C GLU A 8 -37.05 10.09 3.18
N LYS A 9 -35.86 10.20 3.75
CA LYS A 9 -34.63 10.46 3.01
C LYS A 9 -34.33 9.34 2.01
N TRP A 10 -34.54 8.11 2.44
CA TRP A 10 -34.36 6.92 1.60
C TRP A 10 -35.32 6.96 0.40
N GLU A 11 -36.59 7.18 0.70
CA GLU A 11 -37.64 7.16 -0.32
C GLU A 11 -37.42 8.19 -1.42
N LYS A 12 -36.91 9.36 -1.05
CA LYS A 12 -36.78 10.47 -2.01
C LYS A 12 -35.54 10.33 -2.88
N ILE A 13 -34.49 9.71 -2.33
CA ILE A 13 -33.31 9.41 -3.13
C ILE A 13 -33.64 8.30 -4.12
N LYS A 14 -34.42 7.33 -3.66
CA LYS A 14 -34.90 6.25 -4.52
C LYS A 14 -35.79 6.79 -5.62
N GLN A 15 -36.64 7.75 -5.26
CA GLN A 15 -37.53 8.41 -6.22
C GLN A 15 -36.75 9.19 -7.26
N HIS A 16 -35.67 9.82 -6.81
CA HIS A 16 -34.80 10.61 -7.69
C HIS A 16 -34.15 9.76 -8.77
N TYR A 17 -33.84 8.52 -8.42
CA TYR A 17 -33.16 7.61 -9.35
C TYR A 17 -34.07 6.53 -9.91
N GLN A 18 -35.37 6.68 -9.69
CA GLN A 18 -36.33 5.63 -10.06
C GLN A 18 -36.31 5.34 -11.55
N HIS A 19 -36.26 6.38 -12.38
CA HIS A 19 -36.19 6.19 -13.83
C HIS A 19 -34.87 5.55 -14.23
N TRP A 20 -33.79 6.02 -13.62
CA TRP A 20 -32.46 5.49 -13.88
C TRP A 20 -32.41 4.00 -13.59
N SER A 21 -33.01 3.60 -12.47
CA SER A 21 -33.04 2.20 -12.06
C SER A 21 -33.84 1.35 -13.05
N ASP A 22 -35.01 1.84 -13.44
CA ASP A 22 -35.88 1.12 -14.36
C ASP A 22 -35.26 0.95 -15.74
N SER A 23 -34.39 1.87 -16.11
CA SER A 23 -33.80 1.89 -17.45
C SER A 23 -32.55 1.03 -17.52
N LEU A 24 -32.12 0.52 -16.38
CA LEU A 24 -30.98 -0.38 -16.35
C LEU A 24 -31.31 -1.68 -17.04
N SER A 25 -30.55 -1.97 -18.09
CA SER A 25 -30.52 -3.29 -18.70
C SER A 25 -30.02 -4.33 -17.69
N GLU A 26 -30.24 -5.62 -17.96
CA GLU A 26 -29.83 -6.66 -17.01
C GLU A 26 -28.31 -6.73 -16.97
N GLU A 27 -27.70 -6.51 -18.14
CA GLU A 27 -26.24 -6.45 -18.28
C GLU A 27 -25.67 -5.44 -17.30
N GLY A 28 -26.22 -4.24 -17.31
CA GLY A 28 -25.86 -3.22 -16.34
C GLY A 28 -26.14 -3.61 -14.91
N ARG A 29 -27.27 -4.27 -14.67
CA ARG A 29 -27.66 -4.71 -13.33
C ARG A 29 -26.68 -5.77 -12.82
N GLY A 30 -26.26 -6.66 -13.70
CA GLY A 30 -25.29 -7.70 -13.36
C GLY A 30 -23.94 -7.11 -13.04
N LEU A 31 -23.62 -6.01 -13.71
CA LEU A 31 -22.37 -5.31 -13.50
C LEU A 31 -22.32 -4.74 -12.09
N LEU A 32 -23.45 -4.20 -11.63
CA LEU A 32 -23.52 -3.58 -10.32
C LEU A 32 -23.56 -4.62 -9.20
N LYS A 33 -24.11 -5.79 -9.49
CA LYS A 33 -24.09 -6.89 -8.51
C LYS A 33 -22.69 -7.48 -8.40
N LYS A 34 -22.04 -7.65 -9.55
CA LYS A 34 -20.67 -8.14 -9.61
C LYS A 34 -19.74 -7.21 -8.84
N LEU A 35 -20.08 -5.93 -8.83
CA LEU A 35 -19.26 -4.91 -8.18
C LEU A 35 -19.39 -4.95 -6.65
N GLN A 36 -20.60 -5.16 -6.16
CA GLN A 36 -20.84 -5.25 -4.72
C GLN A 36 -20.36 -6.58 -4.16
N ILE A 37 -20.56 -7.64 -4.93
CA ILE A 37 -20.19 -8.98 -4.50
C ILE A 37 -19.24 -9.62 -5.50
N PRO A 38 -17.94 -9.50 -5.24
CA PRO A 38 -16.88 -10.05 -6.11
C PRO A 38 -17.00 -11.56 -6.26
N ILE A 39 -16.54 -12.08 -7.41
CA ILE A 39 -16.64 -13.51 -7.70
C ILE A 39 -15.43 -14.27 -7.17
N GLU A 40 -15.66 -15.07 -6.13
CA GLU A 40 -14.61 -15.90 -5.56
C GLU A 40 -14.23 -17.03 -6.49
N PRO A 41 -12.95 -17.41 -6.52
CA PRO A 41 -12.53 -18.56 -7.31
C PRO A 41 -13.11 -19.85 -6.74
N LYS A 42 -13.50 -20.79 -7.59
CA LYS A 42 -14.05 -22.04 -7.11
C LYS A 42 -12.92 -22.96 -6.64
N LYS A 43 -12.96 -23.32 -5.37
CA LYS A 43 -11.93 -24.15 -4.76
C LYS A 43 -11.76 -25.48 -5.46
N ASP A 44 -12.86 -26.01 -6.00
CA ASP A 44 -12.82 -27.30 -6.69
C ASP A 44 -12.25 -27.19 -8.10
N ASP A 45 -12.36 -26.00 -8.69
CA ASP A 45 -11.75 -25.77 -10.00
C ASP A 45 -10.23 -25.72 -9.88
N ILE A 46 -9.76 -25.06 -8.84
CA ILE A 46 -8.32 -24.91 -8.59
C ILE A 46 -7.65 -26.26 -8.36
N ILE A 47 -8.28 -27.09 -7.53
CA ILE A 47 -7.73 -28.39 -7.16
C ILE A 47 -7.66 -29.34 -8.35
N HIS A 48 -8.69 -29.29 -9.21
CA HIS A 48 -8.73 -30.10 -10.41
C HIS A 48 -7.58 -29.77 -11.35
N SER A 49 -7.15 -28.52 -11.34
CA SER A 49 -6.09 -28.05 -12.23
C SER A 49 -4.71 -28.51 -11.78
N LEU A 50 -4.57 -28.81 -10.49
CA LEU A 50 -3.28 -29.19 -9.95
C LEU A 50 -2.88 -30.61 -10.34
N SER A 51 -1.58 -30.84 -10.40
CA SER A 51 -1.01 -32.18 -10.45
C SER A 51 -0.59 -32.58 -9.04
N GLN A 52 -0.79 -33.84 -8.66
CA GLN A 52 -0.63 -34.27 -7.27
C GLN A 52 0.77 -34.12 -6.70
N GLU A 53 1.77 -33.99 -7.59
CA GLU A 53 3.11 -33.64 -7.15
C GLU A 53 3.04 -32.25 -6.50
N GLU A 54 2.29 -31.37 -7.15
CA GLU A 54 2.01 -30.05 -6.60
C GLU A 54 1.08 -30.18 -5.39
N LYS A 55 0.11 -31.09 -5.48
CA LYS A 55 -0.82 -31.30 -4.36
C LYS A 55 -0.08 -31.88 -3.16
N GLU A 56 0.90 -32.73 -3.42
CA GLU A 56 1.75 -33.27 -2.37
C GLU A 56 2.50 -32.13 -1.69
N LEU A 57 3.04 -31.22 -2.51
CA LEU A 57 3.73 -30.05 -2.00
C LEU A 57 2.77 -29.13 -1.26
N LEU A 58 1.58 -28.95 -1.84
CA LEU A 58 0.58 -28.06 -1.26
C LEU A 58 0.14 -28.52 0.12
N LYS A 59 0.16 -29.83 0.35
CA LYS A 59 -0.17 -30.38 1.65
C LYS A 59 0.95 -30.14 2.64
N ARG A 60 2.19 -30.31 2.18
CA ARG A 60 3.36 -30.14 3.02
C ARG A 60 3.53 -28.69 3.50
N ILE A 61 2.97 -27.76 2.73
CA ILE A 61 3.08 -26.34 3.05
C ILE A 61 2.20 -25.94 4.23
N GLN A 62 2.79 -25.30 5.22
CA GLN A 62 2.04 -24.74 6.34
C GLN A 62 1.47 -23.38 5.94
N ILE A 63 0.19 -23.36 5.61
CA ILE A 63 -0.45 -22.18 5.05
C ILE A 63 -0.49 -21.01 6.03
N ASP A 64 -0.88 -21.29 7.27
CA ASP A 64 -1.04 -20.25 8.28
C ASP A 64 0.29 -19.66 8.74
N SER A 65 1.40 -20.22 8.24
CA SER A 65 2.73 -19.83 8.70
C SER A 65 3.33 -18.67 7.89
N SER A 66 3.00 -18.60 6.60
CA SER A 66 3.69 -17.72 5.67
C SER A 66 3.42 -16.23 5.86
N ASP A 67 4.43 -15.42 5.55
CA ASP A 67 4.32 -13.96 5.59
C ASP A 67 4.06 -13.43 4.19
N PHE A 68 4.01 -14.35 3.23
CA PHE A 68 3.81 -13.99 1.83
C PHE A 68 2.32 -13.80 1.54
N LEU A 69 1.49 -14.48 2.32
CA LEU A 69 0.06 -14.56 2.02
C LEU A 69 -0.81 -13.66 2.90
N SER A 70 -1.86 -13.11 2.31
CA SER A 70 -2.81 -12.30 3.04
C SER A 70 -3.67 -13.20 3.92
N THR A 71 -4.44 -12.59 4.81
CA THR A 71 -5.36 -13.34 5.66
C THR A 71 -6.43 -14.00 4.82
N GLU A 72 -6.96 -13.25 3.86
CA GLU A 72 -7.97 -13.77 2.94
C GLU A 72 -7.42 -14.94 2.12
N GLU A 73 -6.16 -14.81 1.70
CA GLU A 73 -5.49 -15.86 0.94
C GLU A 73 -5.22 -17.07 1.83
N LYS A 74 -4.81 -16.81 3.07
CA LYS A 74 -4.50 -17.87 4.03
C LYS A 74 -5.71 -18.76 4.27
N GLU A 75 -6.85 -18.13 4.53
CA GLU A 75 -8.10 -18.85 4.81
C GLU A 75 -8.50 -19.73 3.63
N PHE A 76 -8.40 -19.19 2.42
CA PHE A 76 -8.77 -19.93 1.22
C PHE A 76 -7.82 -21.10 0.98
N LEU A 77 -6.54 -20.91 1.28
CA LEU A 77 -5.56 -21.97 1.09
C LEU A 77 -5.62 -22.99 2.22
N LYS A 78 -5.97 -22.53 3.42
CA LYS A 78 -6.24 -23.46 4.52
C LYS A 78 -7.46 -24.31 4.20
N LYS A 79 -8.51 -23.65 3.75
CA LYS A 79 -9.75 -24.34 3.37
C LYS A 79 -9.52 -25.28 2.19
N LEU A 80 -8.55 -24.95 1.35
CA LEU A 80 -8.30 -25.74 0.15
C LEU A 80 -7.47 -26.98 0.43
N GLN A 81 -6.52 -26.87 1.35
CA GLN A 81 -5.68 -28.02 1.74
C GLN A 81 -6.50 -29.17 2.27
N ILE A 82 -7.74 -28.87 2.66
CA ILE A 82 -8.70 -29.90 3.03
C ILE A 82 -9.33 -30.48 1.78
N ASP A 83 -8.67 -31.50 1.21
CA ASP A 83 -9.19 -32.23 0.06
C ASP A 83 -8.26 -33.39 -0.29
N PRO A 106 11.06 -22.39 8.06
CA PRO A 106 11.28 -21.74 6.78
C PRO A 106 10.52 -22.43 5.65
N LEU A 107 11.01 -22.34 4.41
CA LEU A 107 10.32 -22.93 3.27
C LEU A 107 11.20 -22.95 2.02
N SER A 108 11.05 -24.02 1.23
CA SER A 108 11.89 -24.30 0.07
C SER A 108 11.79 -23.24 -1.03
N GLU A 109 12.72 -23.29 -1.98
CA GLU A 109 12.69 -22.38 -3.12
C GLU A 109 11.55 -22.76 -4.07
N LYS A 110 11.32 -24.06 -4.21
CA LYS A 110 10.32 -24.58 -5.15
C LYS A 110 8.88 -24.30 -4.71
N GLU A 111 8.62 -24.39 -3.41
CA GLU A 111 7.27 -24.21 -2.90
C GLU A 111 6.85 -22.74 -2.96
N LYS A 112 7.83 -21.85 -2.81
CA LYS A 112 7.59 -20.41 -2.91
C LYS A 112 7.32 -20.02 -4.36
N GLU A 113 8.11 -20.60 -5.26
CA GLU A 113 7.88 -20.46 -6.70
C GLU A 113 6.48 -20.94 -7.05
N PHE A 114 6.08 -22.06 -6.44
CA PHE A 114 4.75 -22.60 -6.61
C PHE A 114 3.70 -21.62 -6.11
N LEU A 115 3.93 -21.06 -4.92
CA LEU A 115 2.98 -20.15 -4.30
C LEU A 115 2.91 -18.80 -5.03
N LYS A 116 4.01 -18.41 -5.67
CA LYS A 116 4.03 -17.17 -6.44
C LYS A 116 3.08 -17.26 -7.62
N LYS A 117 3.06 -18.42 -8.28
CA LYS A 117 2.16 -18.63 -9.41
C LYS A 117 0.73 -18.89 -8.95
N LEU A 118 0.60 -19.66 -7.87
CA LEU A 118 -0.72 -20.08 -7.38
C LEU A 118 -1.55 -18.90 -6.87
N LYS A 119 -0.88 -17.93 -6.24
CA LYS A 119 -1.59 -16.79 -5.66
C LYS A 119 -2.19 -15.90 -6.74
N LEU A 120 -1.73 -16.07 -7.97
CA LEU A 120 -2.28 -15.33 -9.10
C LEU A 120 -3.62 -15.92 -9.55
N ASP A 121 -3.78 -17.21 -9.34
CA ASP A 121 -4.98 -17.92 -9.80
C ASP A 121 -6.08 -17.97 -8.75
N ILE A 122 -5.81 -17.46 -7.56
CA ILE A 122 -6.77 -17.55 -6.46
C ILE A 122 -7.36 -16.18 -6.10
N GLN A 123 -7.08 -15.17 -6.90
CA GLN A 123 -7.60 -13.83 -6.65
C GLN A 123 -9.03 -13.71 -7.17
N PRO A 124 -9.93 -13.14 -6.35
CA PRO A 124 -11.30 -12.87 -6.79
C PRO A 124 -11.33 -11.86 -7.94
N TYR A 125 -12.33 -11.93 -8.79
CA TYR A 125 -12.56 -10.87 -9.77
C TYR A 125 -13.21 -9.71 -9.05
N ASP A 126 -12.41 -8.72 -8.68
CA ASP A 126 -12.87 -7.65 -7.82
C ASP A 126 -12.58 -6.29 -8.45
N ILE A 127 -13.60 -5.72 -9.10
CA ILE A 127 -13.47 -4.46 -9.82
C ILE A 127 -12.98 -3.31 -8.93
N ASN A 128 -13.57 -3.18 -7.75
CA ASN A 128 -13.18 -2.11 -6.83
C ASN A 128 -11.79 -2.31 -6.24
N GLN A 129 -11.34 -3.56 -6.17
CA GLN A 129 -10.00 -3.86 -5.68
C GLN A 129 -8.97 -3.57 -6.76
N ARG A 130 -9.34 -3.82 -8.00
CA ARG A 130 -8.46 -3.52 -9.13
C ARG A 130 -8.24 -2.01 -9.24
N LEU A 131 -9.31 -1.25 -9.01
CA LEU A 131 -9.25 0.20 -9.07
C LEU A 131 -8.44 0.80 -7.94
N GLN A 132 -8.54 0.22 -6.75
CA GLN A 132 -7.79 0.71 -5.60
C GLN A 132 -6.31 0.34 -5.72
N ASP A 133 -6.04 -0.89 -6.17
CA ASP A 133 -4.67 -1.37 -6.32
C ASP A 133 -3.87 -0.55 -7.33
N THR A 134 -4.55 -0.09 -8.39
CA THR A 134 -3.88 0.65 -9.44
C THR A 134 -4.05 2.15 -9.28
N GLY A 135 -5.00 2.55 -8.43
CA GLY A 135 -5.31 3.96 -8.25
C GLY A 135 -5.90 4.55 -9.51
N GLY A 136 -6.65 3.75 -10.25
CA GLY A 136 -7.30 4.20 -11.46
C GLY A 136 -6.49 3.96 -12.71
N LEU A 137 -5.21 3.65 -12.53
CA LEU A 137 -4.32 3.39 -13.66
C LEU A 137 -4.44 1.93 -14.08
N ILE A 138 -5.55 1.61 -14.73
CA ILE A 138 -5.96 0.23 -14.99
C ILE A 138 -5.25 -0.42 -16.18
N ASP A 139 -4.40 0.33 -16.87
CA ASP A 139 -3.62 -0.24 -17.97
C ASP A 139 -2.27 -0.74 -17.46
N SER A 140 -2.04 -0.57 -16.17
CA SER A 140 -0.82 -1.06 -15.54
C SER A 140 -0.72 -2.59 -15.69
N PRO A 141 0.41 -3.06 -16.25
CA PRO A 141 0.60 -4.48 -16.54
C PRO A 141 0.90 -5.32 -15.30
N SER A 142 0.00 -5.29 -14.33
CA SER A 142 0.18 -6.04 -13.10
C SER A 142 -0.73 -7.27 -13.05
N ILE A 143 -1.50 -7.48 -14.12
CA ILE A 143 -2.29 -8.68 -14.28
C ILE A 143 -2.30 -9.13 -15.73
N ASN A 144 -2.76 -10.35 -15.98
CA ASN A 144 -2.83 -10.90 -17.32
C ASN A 144 -3.64 -10.02 -18.25
N LEU A 145 -3.17 -9.89 -19.49
CA LEU A 145 -3.75 -8.98 -20.48
C LEU A 145 -5.24 -9.17 -20.70
N ASP A 146 -5.70 -10.42 -20.70
CA ASP A 146 -7.10 -10.71 -20.95
C ASP A 146 -7.98 -10.23 -19.78
N VAL A 147 -7.53 -10.46 -18.56
CA VAL A 147 -8.27 -10.03 -17.38
C VAL A 147 -8.19 -8.51 -17.25
N ARG A 148 -7.05 -7.95 -17.63
CA ARG A 148 -6.84 -6.51 -17.59
C ARG A 148 -7.84 -5.79 -18.49
N LYS A 149 -8.11 -6.39 -19.65
CA LYS A 149 -9.04 -5.80 -20.61
C LYS A 149 -10.48 -6.00 -20.14
N GLN A 150 -10.73 -7.11 -19.45
CA GLN A 150 -12.06 -7.37 -18.90
C GLN A 150 -12.39 -6.36 -17.80
N TYR A 151 -11.40 -6.06 -16.97
CA TYR A 151 -11.54 -5.03 -15.95
C TYR A 151 -11.82 -3.68 -16.61
N LYS A 152 -10.99 -3.32 -17.58
CA LYS A 152 -11.11 -2.07 -18.30
C LYS A 152 -12.49 -1.87 -18.93
N ARG A 153 -13.04 -2.94 -19.51
CA ARG A 153 -14.35 -2.89 -20.13
C ARG A 153 -15.47 -2.67 -19.11
N ASP A 154 -15.45 -3.45 -18.03
CA ASP A 154 -16.47 -3.33 -16.99
C ASP A 154 -16.43 -1.97 -16.31
N ILE A 155 -15.22 -1.46 -16.11
CA ILE A 155 -15.04 -0.16 -15.46
C ILE A 155 -15.58 0.97 -16.33
N GLN A 156 -15.34 0.88 -17.63
CA GLN A 156 -15.84 1.88 -18.57
C GLN A 156 -17.36 1.82 -18.69
N ASN A 157 -17.91 0.61 -18.63
CA ASN A 157 -19.36 0.43 -18.69
C ASN A 157 -20.06 0.93 -17.43
N ILE A 158 -19.44 0.70 -16.28
CA ILE A 158 -19.97 1.21 -15.01
C ILE A 158 -19.95 2.74 -15.02
N ASP A 159 -18.85 3.31 -15.52
CA ASP A 159 -18.73 4.76 -15.66
C ASP A 159 -19.88 5.36 -16.47
N ALA A 160 -20.26 4.68 -17.54
CA ALA A 160 -21.30 5.16 -18.43
C ALA A 160 -22.68 5.05 -17.79
N LEU A 161 -22.84 4.11 -16.86
CA LEU A 161 -24.09 3.96 -16.14
C LEU A 161 -24.30 5.11 -15.17
N LEU A 162 -23.22 5.54 -14.52
CA LEU A 162 -23.29 6.60 -13.53
C LEU A 162 -23.21 7.98 -14.16
N HIS A 163 -24.26 8.36 -14.88
CA HIS A 163 -24.28 9.64 -15.59
C HIS A 163 -25.12 10.70 -14.85
N GLN A 164 -26.02 10.24 -13.99
CA GLN A 164 -26.93 11.15 -13.32
C GLN A 164 -26.40 11.68 -11.99
N SER A 165 -26.19 12.98 -11.91
CA SER A 165 -25.72 13.62 -10.68
C SER A 165 -26.81 13.62 -9.62
N ILE A 166 -26.41 13.88 -8.37
CA ILE A 166 -27.33 13.82 -7.24
C ILE A 166 -28.25 15.05 -7.18
N GLY A 167 -27.83 16.13 -7.85
CA GLY A 167 -28.65 17.32 -7.93
C GLY A 167 -28.36 18.35 -6.84
N SER A 168 -28.87 19.56 -7.04
CA SER A 168 -28.68 20.64 -6.06
C SER A 168 -29.81 20.66 -5.04
N THR A 169 -30.86 19.90 -5.30
CA THR A 169 -31.96 19.77 -4.35
C THR A 169 -31.55 18.88 -3.19
N LEU A 170 -30.76 17.85 -3.49
CA LEU A 170 -30.49 16.79 -2.52
C LEU A 170 -29.13 16.88 -1.82
N TYR A 171 -28.11 17.35 -2.54
CA TYR A 171 -26.74 17.35 -2.04
C TYR A 171 -26.62 17.97 -0.65
N ASN A 172 -27.45 18.99 -0.39
CA ASN A 172 -27.48 19.71 0.89
C ASN A 172 -28.33 19.07 1.98
N LYS A 173 -29.45 18.48 1.62
CA LYS A 173 -30.26 17.86 2.66
C LYS A 173 -29.67 16.54 3.16
N ILE A 174 -28.69 15.97 2.47
CA ILE A 174 -28.29 14.59 2.79
C ILE A 174 -26.81 14.36 3.14
N TYR A 175 -26.60 13.46 4.10
CA TYR A 175 -25.29 12.88 4.37
C TYR A 175 -25.33 11.43 3.93
N LEU A 176 -24.17 10.88 3.57
CA LEU A 176 -24.08 9.46 3.27
C LEU A 176 -23.03 8.83 4.17
N TYR A 177 -23.19 7.55 4.48
CA TYR A 177 -22.37 6.93 5.49
C TYR A 177 -21.59 5.74 4.97
N GLU A 178 -20.39 5.56 5.52
CA GLU A 178 -19.53 4.44 5.15
C GLU A 178 -18.72 3.97 6.35
N ASN A 179 -18.83 2.68 6.65
CA ASN A 179 -18.01 2.09 7.70
C ASN A 179 -16.76 1.49 7.10
N MET A 180 -15.63 1.68 7.76
CA MET A 180 -14.35 1.28 7.20
C MET A 180 -13.41 0.69 8.26
N ASN A 181 -12.64 -0.31 7.86
CA ASN A 181 -11.59 -0.84 8.70
C ASN A 181 -10.36 0.05 8.61
N ILE A 182 -9.80 0.41 9.76
CA ILE A 182 -8.64 1.29 9.85
C ILE A 182 -7.46 0.74 9.04
N ASN A 183 -7.38 -0.59 8.94
CA ASN A 183 -6.28 -1.26 8.26
C ASN A 183 -6.25 -0.98 6.75
N ASN A 184 -7.37 -0.53 6.21
CA ASN A 184 -7.43 -0.15 4.80
C ASN A 184 -6.70 1.16 4.56
N LEU A 185 -6.63 1.99 5.60
CA LEU A 185 -5.93 3.27 5.53
C LEU A 185 -4.49 3.13 6.01
N THR A 186 -4.32 2.52 7.18
CA THR A 186 -2.99 2.30 7.76
C THR A 186 -2.96 1.02 8.60
N ALA A 187 -2.32 -0.01 8.07
CA ALA A 187 -2.21 -1.29 8.77
C ALA A 187 -1.30 -1.17 9.99
N THR A 188 -0.35 -0.26 9.91
CA THR A 188 0.61 -0.06 11.00
C THR A 188 -0.06 0.47 12.25
N LEU A 189 -0.85 1.54 12.10
CA LEU A 189 -1.57 2.12 13.23
C LEU A 189 -2.77 1.26 13.63
N GLY A 190 -3.32 0.54 12.64
CA GLY A 190 -4.49 -0.28 12.87
C GLY A 190 -4.27 -1.38 13.89
N ALA A 191 -3.04 -1.86 13.96
CA ALA A 191 -2.70 -2.96 14.87
C ALA A 191 -2.85 -2.56 16.33
N ASP A 192 -2.84 -1.25 16.61
CA ASP A 192 -2.84 -0.75 17.98
C ASP A 192 -3.99 0.20 18.30
N LEU A 193 -4.86 0.45 17.32
CA LEU A 193 -5.92 1.43 17.48
C LEU A 193 -6.85 1.12 18.66
N VAL A 194 -7.26 -0.14 18.77
CA VAL A 194 -8.15 -0.55 19.85
C VAL A 194 -7.38 -0.91 21.11
N ASP A 195 -7.83 -0.39 22.24
CA ASP A 195 -7.23 -0.68 23.54
C ASP A 195 -7.24 -2.19 23.80
N SER A 196 -6.05 -2.76 24.00
CA SER A 196 -5.92 -4.20 24.17
C SER A 196 -6.49 -4.67 25.51
N THR A 197 -6.38 -3.82 26.53
CA THR A 197 -6.96 -4.12 27.84
C THR A 197 -8.47 -4.18 27.76
N ASP A 198 -9.04 -3.16 27.11
CA ASP A 198 -10.48 -2.96 27.06
C ASP A 198 -10.89 -2.56 25.65
N ASN A 199 -11.45 -3.51 24.89
CA ASN A 199 -11.73 -3.30 23.47
C ASN A 199 -12.90 -2.35 23.21
N THR A 200 -13.47 -1.79 24.27
CA THR A 200 -14.53 -0.80 24.11
C THR A 200 -13.92 0.59 23.91
N LYS A 201 -12.60 0.68 24.00
CA LYS A 201 -11.94 1.97 23.96
C LYS A 201 -10.88 2.11 22.87
N ILE A 202 -10.71 3.36 22.43
CA ILE A 202 -9.72 3.70 21.41
C ILE A 202 -8.43 4.22 22.05
N ASN A 203 -7.30 3.71 21.59
CA ASN A 203 -5.99 4.23 22.01
C ASN A 203 -5.86 5.69 21.58
N ARG A 204 -5.84 6.59 22.56
CA ARG A 204 -5.82 8.02 22.29
C ARG A 204 -4.55 8.46 21.55
N GLY A 205 -3.42 7.85 21.91
CA GLY A 205 -2.16 8.16 21.27
C GLY A 205 -2.14 7.77 19.81
N ILE A 206 -2.65 6.57 19.53
CA ILE A 206 -2.73 6.06 18.16
C ILE A 206 -3.74 6.86 17.35
N PHE A 207 -4.87 7.19 17.98
CA PHE A 207 -5.89 8.03 17.36
C PHE A 207 -5.31 9.35 16.89
N ASN A 208 -4.48 9.96 17.73
CA ASN A 208 -3.84 11.23 17.41
C ASN A 208 -2.93 11.14 16.19
N GLU A 209 -2.11 10.08 16.15
CA GLU A 209 -1.22 9.85 15.02
C GLU A 209 -2.01 9.68 13.74
N PHE A 210 -3.13 8.98 13.84
CA PHE A 210 -3.99 8.72 12.68
C PHE A 210 -4.59 10.00 12.10
N LYS A 211 -5.13 10.85 12.97
CA LYS A 211 -5.86 12.04 12.52
C LYS A 211 -4.96 13.23 12.22
N LYS A 212 -3.77 13.24 12.82
CA LYS A 212 -2.88 14.42 12.80
C LYS A 212 -2.69 15.05 11.43
N ASN A 213 -2.39 14.22 10.44
CA ASN A 213 -2.16 14.72 9.08
C ASN A 213 -3.21 14.22 8.09
N PHE A 214 -4.43 14.01 8.57
CA PHE A 214 -5.52 13.55 7.72
C PHE A 214 -6.39 14.73 7.28
N LYS A 215 -6.08 15.29 6.12
CA LYS A 215 -6.74 16.50 5.66
C LYS A 215 -7.56 16.28 4.39
N TYR A 216 -7.06 15.44 3.50
CA TYR A 216 -7.81 15.11 2.29
C TYR A 216 -7.66 13.65 1.89
N SER A 217 -8.58 13.20 1.04
CA SER A 217 -8.73 11.80 0.70
C SER A 217 -9.20 11.66 -0.74
N ILE A 218 -8.73 10.61 -1.42
CA ILE A 218 -9.13 10.36 -2.80
C ILE A 218 -9.80 9.01 -2.96
N SER A 219 -10.93 8.98 -3.63
CA SER A 219 -11.58 7.72 -3.97
C SER A 219 -11.32 7.40 -5.45
N SER A 220 -10.54 6.35 -5.70
CA SER A 220 -10.25 5.95 -7.06
C SER A 220 -11.13 4.79 -7.50
N ASN A 221 -11.90 4.25 -6.57
CA ASN A 221 -12.89 3.23 -6.90
C ASN A 221 -14.31 3.73 -6.63
N TYR A 222 -15.29 2.84 -6.75
CA TYR A 222 -16.69 3.22 -6.55
C TYR A 222 -17.10 3.04 -5.11
N MET A 223 -17.25 4.14 -4.39
CA MET A 223 -17.74 4.09 -3.02
C MET A 223 -19.17 3.60 -2.97
N ILE A 224 -19.41 2.58 -2.16
CA ILE A 224 -20.77 2.13 -1.87
C ILE A 224 -21.13 2.63 -0.48
N VAL A 225 -22.10 3.54 -0.42
CA VAL A 225 -22.42 4.21 0.83
C VAL A 225 -23.86 3.95 1.26
N ASP A 226 -24.12 4.10 2.55
CA ASP A 226 -25.46 3.93 3.09
C ASP A 226 -26.16 5.27 3.22
N ILE A 227 -27.45 5.27 2.89
CA ILE A 227 -28.26 6.48 3.00
C ILE A 227 -28.48 6.82 4.48
N ASN A 228 -28.63 5.78 5.29
CA ASN A 228 -28.71 5.93 6.74
C ASN A 228 -27.57 5.18 7.41
N GLU A 229 -27.06 5.72 8.51
CA GLU A 229 -25.89 5.13 9.17
C GLU A 229 -26.18 3.74 9.73
N ARG A 230 -25.21 2.84 9.59
CA ARG A 230 -25.31 1.50 10.13
C ARG A 230 -24.46 1.33 11.37
N PRO A 231 -24.84 0.39 12.24
CA PRO A 231 -23.95 -0.06 13.32
C PRO A 231 -22.66 -0.63 12.75
N ALA A 232 -21.54 -0.41 13.45
CA ALA A 232 -20.24 -0.84 12.96
C ALA A 232 -19.97 -2.30 13.31
N LEU A 233 -19.80 -3.14 12.29
CA LEU A 233 -19.56 -4.56 12.48
C LEU A 233 -18.17 -4.97 11.99
N ASP A 234 -17.60 -5.97 12.65
CA ASP A 234 -16.34 -6.59 12.23
C ASP A 234 -15.18 -5.61 12.12
N ASN A 235 -14.83 -4.99 13.25
CA ASN A 235 -13.67 -4.11 13.36
C ASN A 235 -13.68 -2.92 12.40
N GLU A 236 -14.87 -2.44 12.06
CA GLU A 236 -15.02 -1.23 11.26
C GLU A 236 -15.21 -0.02 12.16
N ARG A 237 -14.14 0.40 12.83
CA ARG A 237 -14.23 1.48 13.81
C ARG A 237 -14.31 2.86 13.16
N LEU A 238 -14.03 2.94 11.87
CA LEU A 238 -14.11 4.21 11.14
C LEU A 238 -15.51 4.43 10.57
N LYS A 239 -16.19 5.47 11.06
CA LYS A 239 -17.55 5.76 10.60
C LYS A 239 -17.58 7.09 9.84
N TRP A 240 -17.54 7.00 8.52
CA TRP A 240 -17.56 8.19 7.67
C TRP A 240 -18.94 8.81 7.57
N ARG A 241 -19.00 10.12 7.72
CA ARG A 241 -20.20 10.88 7.35
C ARG A 241 -19.82 11.80 6.20
N ILE A 242 -20.38 11.53 5.02
CA ILE A 242 -19.96 12.21 3.80
C ILE A 242 -21.04 13.10 3.22
N GLN A 243 -20.68 14.37 2.95
CA GLN A 243 -21.59 15.28 2.29
C GLN A 243 -21.28 15.37 0.80
N LEU A 244 -22.26 15.05 -0.03
CA LEU A 244 -22.09 15.04 -1.48
C LEU A 244 -22.09 16.42 -2.11
N SER A 245 -21.38 16.55 -3.22
CA SER A 245 -21.42 17.73 -4.07
C SER A 245 -22.61 17.61 -5.03
N PRO A 246 -23.17 18.75 -5.46
CA PRO A 246 -24.34 18.73 -6.35
C PRO A 246 -24.12 17.95 -7.65
N ASP A 247 -22.91 18.00 -8.20
CA ASP A 247 -22.63 17.35 -9.47
C ASP A 247 -21.98 15.98 -9.29
N THR A 248 -21.99 15.48 -8.06
CA THR A 248 -21.48 14.15 -7.77
C THR A 248 -22.38 13.10 -8.42
N ARG A 249 -21.83 12.37 -9.36
CA ARG A 249 -22.57 11.35 -10.09
C ARG A 249 -22.74 10.08 -9.27
N ALA A 250 -23.94 9.52 -9.29
CA ALA A 250 -24.24 8.35 -8.48
C ALA A 250 -25.39 7.54 -9.06
N GLY A 251 -25.72 6.44 -8.40
CA GLY A 251 -26.84 5.61 -8.79
C GLY A 251 -27.41 4.91 -7.58
N TYR A 252 -28.72 4.73 -7.56
CA TYR A 252 -29.35 4.06 -6.43
C TYR A 252 -29.07 2.56 -6.46
N LEU A 253 -28.82 2.01 -5.28
CA LEU A 253 -28.67 0.56 -5.13
C LEU A 253 -29.71 0.05 -4.14
N GLU A 254 -30.14 -1.19 -4.36
CA GLU A 254 -31.12 -1.87 -3.52
C GLU A 254 -30.81 -1.71 -2.02
N ASN A 255 -31.87 -1.63 -1.22
CA ASN A 255 -31.77 -1.63 0.23
C ASN A 255 -31.08 -0.40 0.81
N GLY A 256 -31.39 0.76 0.27
CA GLY A 256 -30.96 2.03 0.85
C GLY A 256 -29.49 2.36 0.71
N LYS A 257 -28.91 2.05 -0.44
CA LYS A 257 -27.50 2.38 -0.69
C LYS A 257 -27.31 3.17 -1.97
N LEU A 258 -26.16 3.83 -2.08
CA LEU A 258 -25.78 4.55 -3.29
C LEU A 258 -24.39 4.14 -3.73
N ILE A 259 -24.19 4.00 -5.03
CA ILE A 259 -22.85 3.85 -5.58
C ILE A 259 -22.40 5.19 -6.15
N LEU A 260 -21.22 5.64 -5.77
CA LEU A 260 -20.70 6.91 -6.25
C LEU A 260 -19.71 6.70 -7.37
N GLN A 261 -19.60 7.71 -8.24
CA GLN A 261 -18.61 7.71 -9.32
C GLN A 261 -17.21 7.54 -8.75
N ARG A 262 -16.31 6.96 -9.55
CA ARG A 262 -14.90 6.89 -9.17
C ARG A 262 -14.25 8.25 -9.38
N ASN A 263 -13.02 8.39 -8.90
CA ASN A 263 -12.23 9.62 -9.08
C ASN A 263 -12.89 10.87 -8.51
N ILE A 264 -13.35 10.79 -7.27
CA ILE A 264 -13.82 11.98 -6.56
C ILE A 264 -12.85 12.32 -5.43
N GLY A 265 -12.86 13.57 -5.01
CA GLY A 265 -12.01 14.02 -3.93
C GLY A 265 -12.79 14.26 -2.66
N LEU A 266 -12.12 14.12 -1.52
CA LEU A 266 -12.76 14.32 -0.23
C LEU A 266 -11.89 15.16 0.70
N GLU A 267 -12.44 16.27 1.18
CA GLU A 267 -11.76 17.07 2.19
C GLU A 267 -12.23 16.65 3.58
N ILE A 268 -11.27 16.38 4.46
CA ILE A 268 -11.59 15.97 5.82
C ILE A 268 -11.88 17.19 6.68
N LYS A 269 -13.12 17.29 7.17
CA LYS A 269 -13.55 18.44 7.94
C LYS A 269 -13.33 18.24 9.43
N ASP A 270 -13.51 17.01 9.90
CA ASP A 270 -13.39 16.72 11.32
C ASP A 270 -13.20 15.23 11.59
N VAL A 271 -12.33 14.92 12.54
CA VAL A 271 -12.13 13.55 13.00
C VAL A 271 -12.26 13.52 14.52
N GLN A 272 -13.30 12.84 15.01
CA GLN A 272 -13.56 12.81 16.45
C GLN A 272 -13.82 11.40 16.95
N ILE A 273 -13.47 11.16 18.21
CA ILE A 273 -13.88 9.93 18.87
C ILE A 273 -15.32 10.08 19.34
N ILE A 274 -16.17 9.15 18.91
CA ILE A 274 -17.57 9.16 19.31
C ILE A 274 -17.92 7.83 19.95
N LYS A 275 -19.03 7.80 20.67
CA LYS A 275 -19.48 6.56 21.27
C LYS A 275 -20.86 6.15 20.79
N GLN A 276 -20.98 4.91 20.35
CA GLN A 276 -22.25 4.34 19.93
C GLN A 276 -22.47 3.01 20.63
N SER A 277 -23.53 2.92 21.42
CA SER A 277 -23.85 1.75 22.22
C SER A 277 -22.71 1.37 23.16
N GLU A 278 -22.26 2.34 23.95
CA GLU A 278 -21.24 2.15 24.97
C GLU A 278 -19.91 1.64 24.41
N LYS A 279 -19.63 1.96 23.15
CA LYS A 279 -18.38 1.56 22.52
C LYS A 279 -17.83 2.71 21.69
N GLU A 280 -16.51 2.91 21.75
CA GLU A 280 -15.89 4.05 21.10
C GLU A 280 -15.58 3.80 19.62
N TYR A 281 -15.98 4.75 18.79
CA TYR A 281 -15.69 4.71 17.36
C TYR A 281 -15.08 6.03 16.91
N ILE A 282 -14.60 6.06 15.68
CA ILE A 282 -14.07 7.29 15.11
C ILE A 282 -14.99 7.85 14.04
N ARG A 283 -15.47 9.06 14.26
CA ARG A 283 -16.27 9.76 13.26
C ARG A 283 -15.35 10.53 12.32
N ILE A 284 -15.51 10.29 11.01
CA ILE A 284 -14.80 11.06 10.01
C ILE A 284 -15.78 11.85 9.16
N ASP A 285 -15.84 13.16 9.39
CA ASP A 285 -16.69 14.02 8.57
C ASP A 285 -15.92 14.50 7.35
N ALA A 286 -16.44 14.17 6.17
CA ALA A 286 -15.77 14.53 4.93
C ALA A 286 -16.73 15.19 3.94
N LYS A 287 -16.17 16.01 3.06
CA LYS A 287 -16.95 16.72 2.06
C LYS A 287 -16.40 16.48 0.67
N VAL A 288 -17.28 16.09 -0.26
CA VAL A 288 -16.88 15.85 -1.64
C VAL A 288 -16.43 17.15 -2.31
N VAL A 289 -15.26 17.11 -2.92
CA VAL A 289 -14.75 18.22 -3.73
C VAL A 289 -14.24 17.61 -5.03
N PRO A 290 -13.94 18.45 -6.03
CA PRO A 290 -13.36 17.85 -7.25
C PRO A 290 -11.99 17.23 -7.00
N LYS A 291 -11.72 16.11 -7.67
CA LYS A 291 -10.44 15.41 -7.52
C LYS A 291 -9.27 16.27 -7.98
N SER A 292 -9.51 17.08 -9.00
CA SER A 292 -8.49 17.98 -9.53
C SER A 292 -7.97 18.93 -8.45
N LYS A 293 -8.85 19.32 -7.56
CA LYS A 293 -8.51 20.24 -6.47
C LYS A 293 -7.48 19.64 -5.53
N ILE A 294 -7.58 18.33 -5.29
CA ILE A 294 -6.70 17.64 -4.36
C ILE A 294 -5.39 17.22 -5.03
N ASP A 295 -5.47 16.83 -6.30
CA ASP A 295 -4.27 16.52 -7.06
C ASP A 295 -3.36 17.74 -7.17
N THR A 296 -3.97 18.93 -7.18
CA THR A 296 -3.21 20.18 -7.17
C THR A 296 -2.39 20.28 -5.89
N LYS A 297 -3.02 20.05 -4.75
CA LYS A 297 -2.33 20.09 -3.47
C LYS A 297 -1.16 19.11 -3.42
N ILE A 298 -1.38 17.91 -3.94
CA ILE A 298 -0.36 16.87 -3.95
C ILE A 298 0.81 17.28 -4.85
N GLN A 299 0.50 17.86 -5.99
CA GLN A 299 1.55 18.29 -6.92
C GLN A 299 2.35 19.48 -6.39
N GLU A 300 1.68 20.35 -5.64
CA GLU A 300 2.38 21.46 -5.01
C GLU A 300 3.29 20.96 -3.89
N ALA A 301 2.78 20.00 -3.12
CA ALA A 301 3.55 19.39 -2.04
C ALA A 301 4.77 18.65 -2.58
N GLN A 302 4.63 18.05 -3.75
CA GLN A 302 5.73 17.35 -4.40
C GLN A 302 6.85 18.33 -4.76
N LEU A 303 6.46 19.51 -5.22
CA LEU A 303 7.42 20.56 -5.54
C LEU A 303 8.07 21.10 -4.27
N ASN A 304 7.27 21.27 -3.22
CA ASN A 304 7.77 21.77 -1.95
C ASN A 304 8.81 20.85 -1.31
N ILE A 305 8.54 19.56 -1.36
CA ILE A 305 9.43 18.59 -0.71
C ILE A 305 10.70 18.36 -1.52
N ASN A 306 10.62 18.58 -2.83
CA ASN A 306 11.81 18.42 -3.67
C ASN A 306 12.72 19.64 -3.54
N GLN A 307 12.13 20.82 -3.35
CA GLN A 307 12.92 22.03 -3.15
C GLN A 307 13.63 21.99 -1.80
N GLU A 308 12.93 21.52 -0.78
CA GLU A 308 13.53 21.34 0.55
C GLU A 308 14.74 20.44 0.49
N TRP A 309 14.60 19.32 -0.21
CA TRP A 309 15.60 18.27 -0.15
C TRP A 309 16.67 18.37 -1.24
N ASN A 310 16.38 19.08 -2.33
CA ASN A 310 17.42 19.38 -3.30
C ASN A 310 18.46 20.30 -2.65
N LYS A 311 17.98 21.30 -1.95
CA LYS A 311 18.85 22.25 -1.24
C LYS A 311 19.62 21.56 -0.12
N ALA A 312 18.95 20.68 0.61
CA ALA A 312 19.56 19.99 1.74
C ALA A 312 20.58 18.97 1.27
N LEU A 313 20.40 18.43 0.07
CA LEU A 313 21.29 17.42 -0.46
C LEU A 313 22.37 17.97 -1.39
N GLY A 314 22.34 19.28 -1.62
CA GLY A 314 23.26 19.89 -2.55
C GLY A 314 22.99 19.46 -3.97
N LEU A 315 21.71 19.39 -4.32
CA LEU A 315 21.28 18.96 -5.65
C LEU A 315 20.84 20.14 -6.50
N PRO A 316 20.89 19.98 -7.85
CA PRO A 316 20.35 21.00 -8.75
C PRO A 316 18.91 21.38 -8.39
N LYS A 317 18.57 22.66 -8.53
CA LYS A 317 17.31 23.20 -8.04
C LYS A 317 16.08 22.45 -8.55
N TYR A 318 16.14 21.91 -9.76
CA TYR A 318 14.97 21.28 -10.36
C TYR A 318 15.14 19.78 -10.58
N THR A 319 15.95 19.15 -9.74
CA THR A 319 16.05 17.69 -9.72
C THR A 319 14.77 17.11 -9.16
N LYS A 320 14.17 16.17 -9.89
CA LYS A 320 12.96 15.52 -9.39
C LYS A 320 13.31 14.14 -8.84
N LEU A 321 13.49 14.10 -7.52
CA LEU A 321 13.91 12.89 -6.83
C LEU A 321 12.75 12.22 -6.10
N ILE A 322 11.92 13.04 -5.46
CA ILE A 322 10.80 12.54 -4.67
C ILE A 322 9.51 12.59 -5.46
N THR A 323 8.83 11.45 -5.58
CA THR A 323 7.59 11.36 -6.33
C THR A 323 6.44 10.90 -5.44
N PHE A 324 5.35 11.66 -5.47
CA PHE A 324 4.11 11.26 -4.81
C PHE A 324 3.21 10.54 -5.80
N ASN A 325 2.96 9.25 -5.56
CA ASN A 325 2.03 8.48 -6.39
C ASN A 325 0.79 8.16 -5.57
N VAL A 326 -0.08 9.17 -5.43
CA VAL A 326 -1.16 9.13 -4.45
C VAL A 326 -2.55 9.12 -5.08
N HIS A 327 -3.36 8.13 -4.74
CA HIS A 327 -4.65 7.94 -5.39
C HIS A 327 -5.77 7.43 -4.48
N ASN A 328 -5.48 7.22 -3.19
CA ASN A 328 -6.45 6.56 -2.32
C ASN A 328 -6.83 7.33 -1.05
N ARG A 329 -7.58 6.67 -0.17
CA ARG A 329 -8.37 7.35 0.86
C ARG A 329 -7.59 7.90 2.05
N TYR A 330 -6.29 7.65 2.11
CA TYR A 330 -5.45 8.18 3.18
C TYR A 330 -4.42 9.13 2.57
N ALA A 331 -4.85 9.86 1.55
CA ALA A 331 -3.98 10.62 0.66
C ALA A 331 -3.02 11.59 1.34
N SER A 332 -3.56 12.49 2.16
CA SER A 332 -2.75 13.54 2.76
C SER A 332 -1.67 12.98 3.68
N ASN A 333 -1.94 11.84 4.31
CA ASN A 333 -0.99 11.24 5.22
C ASN A 333 0.22 10.68 4.49
N ILE A 334 0.02 10.13 3.30
CA ILE A 334 1.11 9.65 2.48
C ILE A 334 2.06 10.81 2.17
N VAL A 335 1.47 11.96 1.83
CA VAL A 335 2.23 13.16 1.53
C VAL A 335 3.01 13.66 2.75
N GLU A 336 2.30 13.85 3.86
CA GLU A 336 2.90 14.40 5.06
C GLU A 336 3.92 13.47 5.72
N SER A 337 3.67 12.17 5.67
CA SER A 337 4.58 11.21 6.30
C SER A 337 5.91 11.12 5.56
N ALA A 338 5.91 11.54 4.29
CA ALA A 338 7.12 11.53 3.49
C ALA A 338 8.17 12.50 4.03
N TYR A 339 7.70 13.59 4.62
CA TYR A 339 8.59 14.56 5.27
C TYR A 339 9.24 13.94 6.50
N LEU A 340 8.42 13.28 7.32
CA LEU A 340 8.87 12.67 8.56
C LEU A 340 9.83 11.53 8.30
N ILE A 341 9.52 10.72 7.29
CA ILE A 341 10.35 9.58 6.90
C ILE A 341 11.74 10.04 6.48
N LEU A 342 11.80 11.09 5.67
CA LEU A 342 13.07 11.60 5.17
C LEU A 342 13.86 12.32 6.25
N ASN A 343 13.16 12.90 7.23
CA ASN A 343 13.81 13.53 8.37
C ASN A 343 14.52 12.51 9.25
N GLU A 344 13.85 11.39 9.51
CA GLU A 344 14.43 10.30 10.28
C GLU A 344 15.63 9.71 9.57
N TRP A 345 15.50 9.61 8.25
CA TRP A 345 16.56 9.13 7.37
C TRP A 345 17.80 10.02 7.46
N LYS A 346 17.58 11.32 7.49
CA LYS A 346 18.64 12.31 7.58
C LYS A 346 19.30 12.30 8.96
N ASN A 347 18.49 12.06 9.99
CA ASN A 347 18.98 12.11 11.37
C ASN A 347 19.83 10.90 11.77
N ASN A 348 19.57 9.75 11.17
CA ASN A 348 20.19 8.51 11.61
C ASN A 348 21.34 8.03 10.72
N ILE A 349 21.54 8.69 9.59
CA ILE A 349 22.57 8.28 8.65
C ILE A 349 23.49 9.46 8.33
N GLN A 350 24.79 9.19 8.21
CA GLN A 350 25.79 10.20 7.89
C GLN A 350 25.44 10.94 6.60
N SER A 351 25.47 12.27 6.65
CA SER A 351 25.07 13.11 5.52
C SER A 351 25.93 12.86 4.29
N ASP A 352 27.20 12.56 4.50
CA ASP A 352 28.11 12.29 3.39
C ASP A 352 27.70 11.01 2.66
N LEU A 353 27.34 9.97 3.42
CA LEU A 353 26.85 8.73 2.82
C LEU A 353 25.57 8.99 2.05
N ILE A 354 24.66 9.73 2.68
CA ILE A 354 23.39 10.09 2.07
C ILE A 354 23.58 10.82 0.75
N LYS A 355 24.55 11.74 0.71
CA LYS A 355 24.81 12.53 -0.48
C LYS A 355 25.39 11.71 -1.64
N LYS A 356 26.42 10.92 -1.35
CA LYS A 356 27.08 10.13 -2.37
C LYS A 356 26.14 9.11 -3.00
N VAL A 357 25.36 8.43 -2.17
CA VAL A 357 24.45 7.40 -2.64
C VAL A 357 23.28 8.00 -3.43
N THR A 358 22.73 9.11 -2.93
CA THR A 358 21.60 9.75 -3.59
C THR A 358 21.99 10.33 -4.96
N ASN A 359 23.21 10.88 -5.04
CA ASN A 359 23.71 11.40 -6.31
C ASN A 359 23.87 10.30 -7.34
N TYR A 360 24.23 9.11 -6.87
CA TYR A 360 24.34 7.93 -7.71
C TYR A 360 22.97 7.51 -8.24
N LEU A 361 21.95 7.69 -7.41
CA LEU A 361 20.57 7.40 -7.81
C LEU A 361 20.05 8.42 -8.81
N VAL A 362 20.36 9.70 -8.56
CA VAL A 362 19.96 10.78 -9.45
C VAL A 362 20.65 10.65 -10.80
N ASP A 363 21.86 10.12 -10.79
CA ASP A 363 22.61 9.87 -12.02
C ASP A 363 21.90 8.87 -12.93
N GLY A 364 21.13 7.97 -12.33
CA GLY A 364 20.40 6.95 -13.07
C GLY A 364 18.92 7.24 -13.15
N ASN A 365 18.55 8.49 -12.93
CA ASN A 365 17.16 8.96 -12.98
C ASN A 365 16.27 8.24 -11.96
N GLY A 366 16.87 7.85 -10.84
CA GLY A 366 16.15 7.18 -9.78
C GLY A 366 15.20 8.08 -9.03
N ARG A 367 14.28 7.48 -8.28
CA ARG A 367 13.28 8.24 -7.54
C ARG A 367 13.09 7.72 -6.12
N PHE A 368 12.65 8.61 -5.22
CA PHE A 368 12.03 8.19 -3.98
C PHE A 368 10.52 8.22 -4.21
N VAL A 369 9.91 7.05 -4.34
CA VAL A 369 8.49 6.99 -4.64
C VAL A 369 7.66 6.63 -3.42
N PHE A 370 6.85 7.59 -2.99
CA PHE A 370 5.90 7.37 -1.90
C PHE A 370 4.51 7.20 -2.51
N THR A 371 3.88 6.06 -2.22
CA THR A 371 2.63 5.71 -2.90
C THR A 371 1.63 5.02 -1.98
N ASP A 372 0.38 5.01 -2.41
CA ASP A 372 -0.67 4.25 -1.71
C ASP A 372 -1.38 3.32 -2.69
N ILE A 373 -0.73 3.05 -3.81
CA ILE A 373 -1.16 1.98 -4.71
C ILE A 373 -0.12 0.86 -4.63
N THR A 374 -0.51 -0.36 -5.00
CA THR A 374 0.38 -1.50 -4.84
C THR A 374 1.59 -1.40 -5.76
N LEU A 375 2.75 -1.77 -5.23
CA LEU A 375 4.02 -1.62 -5.92
C LEU A 375 4.15 -2.29 -7.31
N PRO A 376 3.39 -3.36 -7.59
CA PRO A 376 3.40 -3.83 -8.98
C PRO A 376 2.89 -2.80 -10.00
N ASN A 377 2.14 -1.81 -9.52
CA ASN A 377 1.56 -0.80 -10.41
C ASN A 377 2.42 0.46 -10.49
N ILE A 378 3.60 0.39 -9.87
CA ILE A 378 4.57 1.46 -9.97
C ILE A 378 5.52 1.15 -11.13
N ALA A 379 5.65 2.09 -12.06
CA ALA A 379 6.42 1.89 -13.29
C ALA A 379 7.90 1.60 -13.00
N GLU A 380 8.41 2.19 -11.93
CA GLU A 380 9.80 1.98 -11.54
C GLU A 380 10.10 0.51 -11.30
N GLN A 381 9.08 -0.29 -11.00
CA GLN A 381 9.26 -1.73 -10.93
C GLN A 381 8.79 -2.46 -12.19
N TYR A 382 7.59 -2.18 -12.67
CA TYR A 382 6.98 -3.05 -13.67
C TYR A 382 7.62 -2.93 -15.06
N THR A 383 8.28 -1.81 -15.34
CA THR A 383 8.96 -1.67 -16.62
C THR A 383 10.16 -2.61 -16.71
N HIS A 384 10.65 -3.05 -15.56
CA HIS A 384 11.80 -3.93 -15.51
C HIS A 384 11.43 -5.37 -15.12
N GLN A 385 10.17 -5.57 -14.73
CA GLN A 385 9.70 -6.90 -14.38
C GLN A 385 8.42 -7.26 -15.13
N ASP A 386 8.57 -8.01 -16.21
CA ASP A 386 7.45 -8.35 -17.08
C ASP A 386 6.62 -9.52 -16.55
N GLU A 387 7.29 -10.50 -15.95
CA GLU A 387 6.59 -11.64 -15.37
C GLU A 387 5.82 -11.22 -14.12
N ILE A 388 4.51 -11.35 -14.17
CA ILE A 388 3.63 -10.91 -13.10
C ILE A 388 3.88 -11.67 -11.80
N TYR A 389 4.20 -12.96 -11.91
CA TYR A 389 4.45 -13.76 -10.72
C TYR A 389 5.75 -13.36 -10.05
N GLU A 390 6.56 -12.57 -10.76
CA GLU A 390 7.82 -12.08 -10.23
C GLU A 390 7.68 -10.66 -9.67
N GLN A 391 6.53 -10.05 -9.90
CA GLN A 391 6.27 -8.72 -9.35
C GLN A 391 6.01 -8.81 -7.86
N VAL A 392 6.43 -7.77 -7.13
CA VAL A 392 6.37 -7.78 -5.68
C VAL A 392 5.50 -6.65 -5.13
N HIS A 393 4.61 -6.98 -4.21
CA HIS A 393 4.01 -5.96 -3.36
C HIS A 393 4.47 -6.14 -1.93
N SER A 394 4.87 -5.03 -1.31
CA SER A 394 5.30 -5.04 0.08
C SER A 394 5.40 -3.62 0.61
N LYS A 395 5.96 -3.50 1.81
CA LYS A 395 6.14 -2.20 2.45
C LYS A 395 7.10 -1.33 1.65
N GLY A 396 8.24 -1.90 1.31
CA GLY A 396 9.27 -1.18 0.60
C GLY A 396 9.99 -2.03 -0.43
N LEU A 397 10.66 -1.38 -1.36
CA LEU A 397 11.36 -2.08 -2.43
C LEU A 397 12.49 -1.21 -2.99
N TYR A 398 13.59 -1.84 -3.37
CA TYR A 398 14.61 -1.14 -4.14
C TYR A 398 14.79 -1.82 -5.49
N VAL A 399 14.70 -1.03 -6.55
CA VAL A 399 14.87 -1.53 -7.90
C VAL A 399 16.14 -0.95 -8.52
N PRO A 400 17.20 -1.78 -8.62
CA PRO A 400 18.49 -1.34 -9.17
C PRO A 400 18.37 -0.80 -10.59
N GLU A 401 17.55 -1.47 -11.42
CA GLU A 401 17.40 -1.09 -12.82
C GLU A 401 16.88 0.33 -13.00
N SER A 402 16.12 0.82 -12.02
CA SER A 402 15.59 2.17 -12.07
C SER A 402 16.16 3.01 -10.93
N ARG A 403 16.98 2.37 -10.09
CA ARG A 403 17.63 3.02 -8.95
C ARG A 403 16.65 3.78 -8.08
N SER A 404 15.52 3.12 -7.77
CA SER A 404 14.46 3.80 -7.04
C SER A 404 14.09 3.08 -5.74
N ILE A 405 13.70 3.88 -4.74
CA ILE A 405 13.12 3.34 -3.53
C ILE A 405 11.61 3.55 -3.57
N LEU A 406 10.86 2.47 -3.41
CA LEU A 406 9.42 2.55 -3.38
C LEU A 406 8.92 2.24 -1.97
N LEU A 407 8.09 3.13 -1.44
CA LEU A 407 7.55 2.92 -0.10
C LEU A 407 6.03 3.01 -0.10
N HIS A 408 5.39 1.91 0.28
CA HIS A 408 3.93 1.80 0.28
C HIS A 408 3.37 2.13 1.67
N GLY A 409 2.65 3.24 1.75
CA GLY A 409 2.09 3.72 3.00
C GLY A 409 1.12 2.83 3.77
N PRO A 410 0.00 2.44 3.12
CA PRO A 410 -1.10 1.73 3.81
C PRO A 410 -0.71 0.41 4.49
N SER A 411 0.32 -0.27 3.99
CA SER A 411 0.64 -1.62 4.47
C SER A 411 1.49 -1.63 5.73
N LYS A 412 1.55 -2.81 6.35
CA LYS A 412 2.41 -3.06 7.50
C LYS A 412 3.52 -4.02 7.11
N GLY A 413 4.77 -3.57 7.23
CA GLY A 413 5.91 -4.41 6.93
C GLY A 413 6.08 -5.48 8.00
N VAL A 414 6.62 -6.63 7.63
CA VAL A 414 6.79 -7.70 8.60
C VAL A 414 7.92 -7.35 9.57
N GLU A 415 7.58 -7.37 10.85
CA GLU A 415 8.50 -7.03 11.93
C GLU A 415 9.19 -5.67 11.74
N LEU A 416 8.42 -4.70 11.23
CA LEU A 416 8.84 -3.31 11.18
C LEU A 416 8.01 -2.49 12.16
N ARG A 417 8.64 -1.54 12.84
CA ARG A 417 7.90 -0.67 13.75
C ARG A 417 7.14 0.40 12.96
N ASN A 418 7.82 0.98 11.98
CA ASN A 418 7.26 2.10 11.23
C ASN A 418 7.81 2.20 9.81
N ASP A 419 7.41 3.26 9.10
CA ASP A 419 7.80 3.46 7.72
C ASP A 419 9.25 3.94 7.60
N SER A 420 9.75 4.61 8.63
CA SER A 420 11.11 5.13 8.62
C SER A 420 12.14 4.01 8.63
N GLU A 421 11.98 3.06 9.55
CA GLU A 421 12.84 1.89 9.60
C GLU A 421 12.76 1.14 8.29
N GLY A 422 11.55 1.09 7.73
CA GLY A 422 11.34 0.49 6.44
C GLY A 422 12.09 1.18 5.31
N PHE A 423 12.15 2.51 5.36
CA PHE A 423 12.85 3.27 4.33
C PHE A 423 14.36 3.05 4.37
N ILE A 424 14.89 2.90 5.58
CA ILE A 424 16.34 2.80 5.79
C ILE A 424 16.86 1.45 5.31
N HIS A 425 16.02 0.42 5.44
CA HIS A 425 16.33 -0.91 4.93
C HIS A 425 16.50 -0.88 3.42
N GLU A 426 15.59 -0.20 2.73
CA GLU A 426 15.66 -0.06 1.27
C GLU A 426 16.90 0.74 0.86
N PHE A 427 17.24 1.74 1.65
CA PHE A 427 18.41 2.57 1.38
C PHE A 427 19.67 1.72 1.51
N GLY A 428 19.60 0.71 2.37
CA GLY A 428 20.70 -0.22 2.55
C GLY A 428 20.97 -0.98 1.26
N HIS A 429 19.90 -1.28 0.52
CA HIS A 429 20.03 -1.92 -0.78
C HIS A 429 20.75 -1.01 -1.76
N ALA A 430 20.39 0.27 -1.74
CA ALA A 430 21.03 1.26 -2.60
C ALA A 430 22.51 1.40 -2.26
N VAL A 431 22.82 1.30 -0.96
CA VAL A 431 24.20 1.32 -0.51
C VAL A 431 24.93 0.08 -1.03
N ASP A 432 24.27 -1.07 -0.92
CA ASP A 432 24.77 -2.32 -1.48
C ASP A 432 25.03 -2.17 -2.98
N ASP A 433 24.09 -1.53 -3.67
CA ASP A 433 24.21 -1.28 -5.10
C ASP A 433 25.44 -0.43 -5.41
N TYR A 434 25.49 0.75 -4.79
CA TYR A 434 26.54 1.72 -5.07
C TYR A 434 27.93 1.20 -4.73
N ALA A 435 28.03 0.44 -3.65
CA ALA A 435 29.31 -0.10 -3.21
C ALA A 435 29.86 -1.11 -4.22
N GLY A 436 28.97 -1.95 -4.75
CA GLY A 436 29.37 -2.94 -5.74
C GLY A 436 29.80 -2.29 -7.03
N TYR A 437 29.17 -1.16 -7.36
CA TYR A 437 29.52 -0.38 -8.54
C TYR A 437 30.92 0.20 -8.42
N LEU A 438 31.22 0.76 -7.25
CA LEU A 438 32.53 1.35 -6.99
C LEU A 438 33.66 0.32 -7.07
N LEU A 439 33.36 -0.91 -6.68
CA LEU A 439 34.37 -1.97 -6.69
C LEU A 439 34.66 -2.43 -8.11
N ASP A 440 33.62 -2.50 -8.94
CA ASP A 440 33.76 -2.90 -10.33
C ASP A 440 32.77 -2.14 -11.21
N LYS A 441 33.24 -1.04 -11.78
CA LYS A 441 32.39 -0.16 -12.60
C LYS A 441 31.95 -0.81 -13.90
N ASN A 442 32.67 -1.83 -14.33
CA ASN A 442 32.30 -2.56 -15.53
C ASN A 442 31.15 -3.54 -15.27
N GLN A 443 31.28 -4.35 -14.22
CA GLN A 443 30.34 -5.45 -13.97
C GLN A 443 29.14 -4.98 -13.17
N SER A 444 29.38 -3.98 -12.32
CA SER A 444 28.33 -3.33 -11.55
C SER A 444 27.40 -4.33 -10.86
N ASP A 445 27.99 -5.27 -10.14
CA ASP A 445 27.21 -6.24 -9.38
C ASP A 445 26.92 -5.64 -8.01
N LEU A 446 26.14 -6.34 -7.20
CA LEU A 446 25.93 -5.92 -5.82
C LEU A 446 27.15 -6.33 -5.00
N VAL A 447 27.49 -5.53 -4.00
CA VAL A 447 28.65 -5.85 -3.16
C VAL A 447 28.33 -7.09 -2.33
N THR A 448 27.05 -7.41 -2.20
CA THR A 448 26.61 -8.59 -1.47
C THR A 448 26.75 -9.86 -2.29
N ASN A 449 27.08 -9.70 -3.57
CA ASN A 449 27.34 -10.83 -4.45
C ASN A 449 28.81 -11.18 -4.47
N SER A 450 29.63 -10.34 -3.84
CA SER A 450 31.06 -10.59 -3.77
C SER A 450 31.36 -11.80 -2.90
N LYS A 451 32.44 -12.50 -3.23
CA LYS A 451 32.88 -13.69 -2.49
C LYS A 451 33.09 -13.36 -1.01
N LYS A 452 33.62 -12.17 -0.75
CA LYS A 452 33.94 -11.73 0.60
C LYS A 452 32.72 -11.68 1.52
N PHE A 453 31.62 -11.13 1.02
CA PHE A 453 30.43 -10.97 1.85
C PHE A 453 29.64 -12.26 1.97
N ILE A 454 29.67 -13.08 0.92
CA ILE A 454 28.97 -14.37 0.93
C ILE A 454 29.48 -15.25 2.07
N ASP A 455 30.80 -15.21 2.30
CA ASP A 455 31.41 -15.93 3.40
C ASP A 455 30.91 -15.40 4.74
N ILE A 456 30.79 -14.08 4.83
CA ILE A 456 30.31 -13.42 6.05
C ILE A 456 28.84 -13.77 6.30
N PHE A 457 28.05 -13.83 5.22
CA PHE A 457 26.66 -14.23 5.34
C PHE A 457 26.55 -15.69 5.77
N LYS A 458 27.47 -16.52 5.27
CA LYS A 458 27.47 -17.94 5.63
C LYS A 458 27.76 -18.14 7.11
N GLU A 459 28.51 -17.21 7.70
CA GLU A 459 28.86 -17.30 9.11
C GLU A 459 27.79 -16.64 9.99
N GLU A 460 27.42 -15.41 9.66
CA GLU A 460 26.60 -14.61 10.56
C GLU A 460 25.14 -14.43 10.13
N GLY A 461 24.75 -15.11 9.06
CA GLY A 461 23.44 -14.93 8.46
C GLY A 461 22.24 -15.10 9.38
N SER A 462 22.37 -15.92 10.40
CA SER A 462 21.23 -16.24 11.28
C SER A 462 21.31 -15.53 12.63
N ASN A 463 22.22 -14.57 12.75
CA ASN A 463 22.47 -13.93 14.04
C ASN A 463 21.69 -12.64 14.27
N LEU A 464 20.94 -12.20 13.27
CA LEU A 464 20.16 -10.96 13.41
C LEU A 464 18.66 -11.23 13.30
N THR A 465 17.98 -10.51 12.42
CA THR A 465 16.53 -10.71 12.27
C THR A 465 16.22 -11.99 11.50
N SER A 466 15.03 -12.52 11.73
CA SER A 466 14.59 -13.74 11.06
C SER A 466 14.54 -13.56 9.54
N TYR A 467 14.15 -12.36 9.10
CA TYR A 467 14.07 -12.05 7.68
C TYR A 467 15.45 -11.88 7.07
N GLY A 468 16.41 -11.45 7.89
CA GLY A 468 17.77 -11.25 7.43
C GLY A 468 18.44 -12.55 7.00
N ARG A 469 17.86 -13.68 7.39
CA ARG A 469 18.38 -14.99 7.04
C ARG A 469 18.15 -15.32 5.58
N THR A 470 17.17 -14.66 4.97
CA THR A 470 16.70 -14.97 3.62
C THR A 470 17.83 -15.11 2.61
N ASN A 471 18.60 -14.04 2.41
CA ASN A 471 19.75 -14.07 1.53
C ASN A 471 20.76 -12.97 1.86
N GLU A 472 21.82 -12.88 1.06
CA GLU A 472 22.90 -11.94 1.31
C GLU A 472 22.43 -10.48 1.25
N ALA A 473 21.59 -10.17 0.26
CA ALA A 473 21.08 -8.81 0.09
C ALA A 473 20.23 -8.39 1.28
N GLU A 474 19.34 -9.27 1.70
CA GLU A 474 18.45 -8.99 2.82
C GLU A 474 19.20 -8.85 4.13
N PHE A 475 20.19 -9.70 4.31
CA PHE A 475 21.02 -9.68 5.52
C PHE A 475 21.75 -8.35 5.63
N PHE A 476 22.28 -7.89 4.51
CA PHE A 476 22.99 -6.62 4.44
C PHE A 476 22.07 -5.44 4.77
N ALA A 477 20.90 -5.43 4.15
CA ALA A 477 19.95 -4.33 4.34
C ALA A 477 19.41 -4.32 5.76
N GLU A 478 19.15 -5.50 6.32
CA GLU A 478 18.65 -5.61 7.69
C GLU A 478 19.69 -5.15 8.70
N ALA A 479 20.94 -5.57 8.49
CA ALA A 479 22.04 -5.16 9.35
C ALA A 479 22.24 -3.65 9.26
N PHE A 480 22.18 -3.13 8.05
CA PHE A 480 22.30 -1.69 7.81
C PHE A 480 21.23 -0.92 8.55
N ARG A 481 19.99 -1.40 8.46
CA ARG A 481 18.87 -0.77 9.13
C ARG A 481 19.06 -0.78 10.65
N LEU A 482 19.41 -1.93 11.18
CA LEU A 482 19.62 -2.09 12.62
C LEU A 482 20.80 -1.25 13.12
N MET A 483 21.79 -1.06 12.27
CA MET A 483 22.97 -0.28 12.63
C MET A 483 22.68 1.22 12.66
N HIS A 484 21.56 1.62 12.07
CA HIS A 484 21.19 3.03 12.04
C HIS A 484 19.83 3.27 12.70
N SER A 485 19.48 2.39 13.63
CA SER A 485 18.24 2.51 14.39
C SER A 485 18.32 3.62 15.41
N THR A 486 17.16 4.21 15.74
CA THR A 486 17.09 5.25 16.76
C THR A 486 17.41 4.65 18.13
N ASP A 487 17.10 3.37 18.28
CA ASP A 487 17.43 2.62 19.49
C ASP A 487 18.88 2.14 19.41
N HIS A 488 19.76 2.78 20.17
CA HIS A 488 21.18 2.50 20.10
C HIS A 488 21.53 1.12 20.65
N ALA A 489 20.59 0.50 21.35
CA ALA A 489 20.76 -0.87 21.81
C ALA A 489 20.77 -1.82 20.61
N GLU A 490 20.10 -1.41 19.54
CA GLU A 490 20.02 -2.21 18.32
C GLU A 490 21.34 -2.17 17.55
N ARG A 491 21.99 -1.01 17.56
CA ARG A 491 23.27 -0.85 16.87
C ARG A 491 24.36 -1.67 17.54
N LEU A 492 24.33 -1.71 18.86
CA LEU A 492 25.31 -2.43 19.64
C LEU A 492 25.08 -3.94 19.55
N LYS A 493 23.84 -4.33 19.29
CA LYS A 493 23.47 -5.73 19.16
C LYS A 493 24.09 -6.35 17.90
N VAL A 494 24.10 -5.58 16.82
CA VAL A 494 24.70 -6.01 15.57
C VAL A 494 26.20 -6.18 15.73
N GLN A 495 26.82 -5.19 16.38
CA GLN A 495 28.25 -5.22 16.68
C GLN A 495 28.61 -6.49 17.46
N LYS A 496 27.78 -6.80 18.44
CA LYS A 496 28.02 -7.94 19.33
C LYS A 496 27.70 -9.29 18.67
N ASN A 497 26.57 -9.37 17.97
CA ASN A 497 26.10 -10.63 17.41
C ASN A 497 26.61 -10.92 16.00
N ALA A 498 26.82 -9.86 15.21
CA ALA A 498 27.38 -10.01 13.88
C ALA A 498 28.54 -9.04 13.65
N PRO A 499 29.67 -9.28 14.33
CA PRO A 499 30.81 -8.36 14.31
C PRO A 499 31.47 -8.19 12.95
N LYS A 500 31.55 -9.26 12.16
CA LYS A 500 32.17 -9.18 10.84
C LYS A 500 31.29 -8.45 9.85
N THR A 501 29.98 -8.65 9.96
CA THR A 501 29.01 -7.94 9.14
C THR A 501 29.07 -6.45 9.45
N PHE A 502 29.11 -6.15 10.75
CA PHE A 502 29.22 -4.79 11.26
C PHE A 502 30.47 -4.09 10.70
N GLN A 503 31.59 -4.79 10.76
CA GLN A 503 32.86 -4.28 10.26
C GLN A 503 32.82 -4.07 8.74
N PHE A 504 32.24 -5.03 8.03
CA PHE A 504 32.15 -4.98 6.57
C PHE A 504 31.34 -3.77 6.11
N ILE A 505 30.20 -3.55 6.73
CA ILE A 505 29.31 -2.47 6.35
C ILE A 505 29.93 -1.11 6.65
N ASN A 506 30.51 -0.96 7.83
CA ASN A 506 31.23 0.26 8.18
C ASN A 506 32.38 0.53 7.21
N ASP A 507 33.00 -0.54 6.71
CA ASP A 507 34.06 -0.41 5.73
C ASP A 507 33.52 0.00 4.37
N GLN A 508 32.31 -0.46 4.05
CA GLN A 508 31.66 -0.07 2.81
C GLN A 508 31.27 1.41 2.85
N ILE A 509 30.83 1.86 4.01
CA ILE A 509 30.42 3.25 4.20
C ILE A 509 31.62 4.19 4.10
N LYS A 510 32.71 3.83 4.76
CA LYS A 510 33.97 4.57 4.65
C LYS A 510 34.39 4.68 3.19
N PHE A 511 34.42 3.54 2.51
CA PHE A 511 34.84 3.44 1.12
C PHE A 511 34.00 4.31 0.19
N ILE A 512 32.69 4.32 0.42
CA ILE A 512 31.76 5.13 -0.38
C ILE A 512 32.03 6.62 -0.19
N ILE A 513 32.21 7.01 1.07
CA ILE A 513 32.37 8.42 1.43
C ILE A 513 33.73 8.97 0.99
N ASN A 514 34.79 8.18 1.13
CA ASN A 514 36.13 8.62 0.77
C ASN A 514 36.36 8.68 -0.74
N SER A 515 35.55 7.95 -1.50
CA SER A 515 35.74 7.88 -2.95
C SER A 515 35.20 9.13 -3.65
#